data_9GTX
#
_entry.id   9GTX
#
_cell.length_a   41.749
_cell.length_b   65.461
_cell.length_c   60.807
_cell.angle_alpha   90.000
_cell.angle_beta   99.237
_cell.angle_gamma   90.000
#
_symmetry.space_group_name_H-M   'P 1 21 1'
#
loop_
_entity.id
_entity.type
_entity.pdbx_description
1 polymer 'Outer-membrane lipoprotein carrier protein'
2 non-polymer DI(HYDROXYETHYL)ETHER
3 water water
#
_entity_poly.entity_id   1
_entity_poly.type   'polypeptide(L)'
_entity_poly.pdbx_seq_one_letter_code
;MKNPLTLSKEEEVLQNLQSFSAHFKQVLKNEKPLVYYGVLKAKAPNWALWVYEKPLKKEIYMNDKEVVVYEPNLFQATIT
PLKDKTDFFTILKQLKKQTDGSFKTTINKTTYRLVFKDGKPFSLEFKDDMNNLVTITFSQAEINPKIPNEIFVFNPKDEN
IDIVRQ
;
_entity_poly.pdbx_strand_id   A,B
#
# COMPACT_ATOMS: atom_id res chain seq x y z
N THR A 6 -10.84 8.06 -29.72
CA THR A 6 -9.99 8.50 -28.60
C THR A 6 -9.97 7.53 -27.42
N LEU A 7 -10.84 6.52 -27.43
CA LEU A 7 -10.78 5.46 -26.44
C LEU A 7 -10.28 4.17 -27.08
N SER A 8 -9.25 3.57 -26.50
CA SER A 8 -8.81 2.24 -26.90
C SER A 8 -9.89 1.22 -26.59
N LYS A 9 -9.77 0.03 -27.16
CA LYS A 9 -10.79 -0.98 -26.91
C LYS A 9 -10.87 -1.34 -25.43
N GLU A 10 -9.74 -1.41 -24.74
CA GLU A 10 -9.77 -1.73 -23.31
C GLU A 10 -10.36 -0.58 -22.51
N GLU A 11 -10.09 0.66 -22.92
CA GLU A 11 -10.66 1.82 -22.24
C GLU A 11 -12.18 1.86 -22.39
N GLU A 12 -12.69 1.46 -23.56
CA GLU A 12 -14.13 1.39 -23.74
C GLU A 12 -14.77 0.33 -22.85
N VAL A 13 -14.08 -0.81 -22.63
CA VAL A 13 -14.65 -1.82 -21.75
C VAL A 13 -14.86 -1.25 -20.36
N LEU A 14 -13.85 -0.56 -19.85
CA LEU A 14 -13.94 0.01 -18.51
C LEU A 14 -15.00 1.11 -18.44
N GLN A 15 -15.07 1.96 -19.46
CA GLN A 15 -16.09 3.02 -19.44
C GLN A 15 -17.49 2.43 -19.40
N ASN A 16 -17.72 1.37 -20.17
CA ASN A 16 -19.05 0.82 -20.33
C ASN A 16 -19.38 -0.27 -19.32
N LEU A 17 -18.41 -0.66 -18.49
CA LEU A 17 -18.58 -1.81 -17.62
C LEU A 17 -19.66 -1.53 -16.57
N GLN A 18 -20.56 -2.49 -16.39
CA GLN A 18 -21.53 -2.41 -15.29
C GLN A 18 -21.56 -3.66 -14.41
N SER A 19 -20.98 -4.77 -14.85
CA SER A 19 -20.84 -5.94 -14.00
C SER A 19 -19.74 -6.82 -14.58
N PHE A 20 -19.28 -7.75 -13.75
CA PHE A 20 -18.18 -8.59 -14.15
C PHE A 20 -18.20 -9.87 -13.30
N SER A 21 -17.94 -11.00 -13.94
CA SER A 21 -17.78 -12.23 -13.19
C SER A 21 -16.65 -13.01 -13.80
N ALA A 22 -15.96 -13.78 -12.96
CA ALA A 22 -14.85 -14.58 -13.47
C ALA A 22 -14.45 -15.61 -12.44
N HIS A 23 -13.92 -16.73 -12.91
CA HIS A 23 -13.12 -17.55 -12.02
C HIS A 23 -11.80 -16.84 -11.79
N PHE A 24 -11.21 -17.04 -10.61
CA PHE A 24 -9.93 -16.41 -10.31
C PHE A 24 -9.01 -17.40 -9.61
N LYS A 25 -7.72 -17.17 -9.82
CA LYS A 25 -6.63 -17.79 -9.08
C LYS A 25 -5.91 -16.68 -8.35
N GLN A 26 -5.62 -16.88 -7.07
CA GLN A 26 -5.03 -15.85 -6.23
C GLN A 26 -3.72 -16.37 -5.66
N VAL A 27 -2.62 -15.72 -6.01
CA VAL A 27 -1.30 -16.13 -5.58
C VAL A 27 -0.71 -15.01 -4.74
N LEU A 28 -0.18 -15.36 -3.58
CA LEU A 28 0.56 -14.44 -2.73
C LEU A 28 2.01 -14.90 -2.70
N LYS A 29 2.93 -14.00 -3.08
CA LYS A 29 4.33 -14.37 -3.27
C LYS A 29 5.07 -14.34 -1.93
N ASN A 30 5.57 -15.51 -1.51
CA ASN A 30 6.45 -15.60 -0.35
C ASN A 30 7.14 -16.97 -0.32
N GLU A 31 7.21 -17.59 0.86
CA GLU A 31 7.91 -18.86 1.04
C GLU A 31 7.59 -19.84 -0.08
N LYS A 32 6.40 -20.43 -0.05
CA LYS A 32 5.94 -21.34 -1.09
C LYS A 32 4.56 -20.90 -1.55
N PRO A 33 4.34 -20.76 -2.86
CA PRO A 33 3.05 -20.28 -3.34
C PRO A 33 1.89 -21.21 -3.03
N LEU A 34 1.10 -20.89 -2.01
CA LEU A 34 -0.18 -21.54 -1.78
C LEU A 34 -1.25 -20.77 -2.54
N VAL A 35 -1.89 -21.44 -3.50
CA VAL A 35 -2.72 -20.80 -4.49
C VAL A 35 -4.19 -21.01 -4.13
N TYR A 36 -4.95 -19.93 -4.05
CA TYR A 36 -6.39 -19.96 -3.79
C TYR A 36 -7.18 -19.82 -5.09
N TYR A 37 -8.31 -20.51 -5.15
CA TYR A 37 -9.17 -20.50 -6.32
C TYR A 37 -10.59 -20.15 -5.91
N GLY A 38 -11.30 -19.46 -6.80
CA GLY A 38 -12.66 -19.07 -6.50
C GLY A 38 -13.34 -18.39 -7.67
N VAL A 39 -14.43 -17.69 -7.34
CA VAL A 39 -15.27 -17.01 -8.33
C VAL A 39 -15.51 -15.59 -7.86
N LEU A 40 -15.40 -14.64 -8.77
CA LEU A 40 -15.65 -13.23 -8.47
C LEU A 40 -16.91 -12.76 -9.20
N LYS A 41 -17.73 -11.99 -8.49
CA LYS A 41 -18.86 -11.29 -9.09
C LYS A 41 -18.84 -9.86 -8.60
N ALA A 42 -18.98 -8.93 -9.53
CA ALA A 42 -18.91 -7.52 -9.17
C ALA A 42 -19.92 -6.77 -10.00
N LYS A 43 -20.40 -5.65 -9.48
CA LYS A 43 -21.55 -5.02 -10.11
C LYS A 43 -21.62 -3.57 -9.64
N ALA A 44 -21.98 -2.67 -10.54
CA ALA A 44 -22.20 -1.29 -10.14
C ALA A 44 -23.26 -1.25 -9.02
N PRO A 45 -23.17 -0.26 -8.11
CA PRO A 45 -22.22 0.87 -8.08
C PRO A 45 -20.87 0.52 -7.44
N ASN A 46 -20.84 -0.44 -6.53
CA ASN A 46 -19.59 -0.74 -5.84
C ASN A 46 -19.66 -2.07 -5.10
N TRP A 47 -20.38 -3.04 -5.68
CA TRP A 47 -20.61 -4.34 -5.04
C TRP A 47 -19.61 -5.37 -5.52
N ALA A 48 -19.12 -6.19 -4.60
CA ALA A 48 -18.27 -7.29 -4.99
C ALA A 48 -18.49 -8.47 -4.05
N LEU A 49 -18.39 -9.68 -4.61
CA LEU A 49 -18.42 -10.91 -3.83
C LEU A 49 -17.31 -11.81 -4.34
N TRP A 50 -16.41 -12.21 -3.45
CA TRP A 50 -15.35 -13.17 -3.76
C TRP A 50 -15.67 -14.46 -3.02
N VAL A 51 -15.93 -15.54 -3.75
CA VAL A 51 -16.17 -16.84 -3.14
C VAL A 51 -14.93 -17.69 -3.34
N TYR A 52 -14.23 -18.00 -2.25
CA TYR A 52 -13.12 -18.94 -2.30
C TYR A 52 -13.70 -20.33 -2.19
N GLU A 53 -13.27 -21.21 -3.08
CA GLU A 53 -13.72 -22.59 -3.13
C GLU A 53 -12.66 -23.58 -2.69
N LYS A 54 -11.38 -23.26 -2.91
CA LYS A 54 -10.29 -24.19 -2.68
C LYS A 54 -9.06 -23.39 -2.29
N PRO A 55 -8.24 -23.90 -1.36
CA PRO A 55 -8.46 -25.08 -0.52
C PRO A 55 -9.33 -24.74 0.67
N LEU A 56 -9.49 -23.44 0.98
CA LEU A 56 -10.36 -22.99 2.05
C LEU A 56 -11.60 -22.32 1.47
N LYS A 57 -12.73 -22.47 2.16
CA LYS A 57 -13.99 -21.89 1.73
C LYS A 57 -14.21 -20.61 2.54
N LYS A 58 -14.33 -19.51 1.83
CA LYS A 58 -14.56 -18.22 2.45
C LYS A 58 -15.36 -17.38 1.47
N GLU A 59 -16.19 -16.50 2.01
CA GLU A 59 -16.96 -15.57 1.19
C GLU A 59 -16.69 -14.16 1.69
N ILE A 60 -16.30 -13.29 0.78
CA ILE A 60 -15.97 -11.91 1.11
C ILE A 60 -16.95 -11.02 0.36
N TYR A 61 -17.87 -10.41 1.09
CA TYR A 61 -18.79 -9.43 0.55
C TYR A 61 -18.21 -8.06 0.77
N MET A 62 -18.32 -7.21 -0.23
CA MET A 62 -17.71 -5.90 -0.16
C MET A 62 -18.62 -4.89 -0.80
N ASN A 63 -18.72 -3.70 -0.20
CA ASN A 63 -19.35 -2.58 -0.88
C ASN A 63 -18.50 -1.33 -0.60
N ASP A 64 -19.14 -0.17 -0.71
CA ASP A 64 -18.43 1.10 -0.49
C ASP A 64 -18.02 1.26 0.96
N LYS A 65 -18.87 0.81 1.90
CA LYS A 65 -18.74 1.12 3.32
C LYS A 65 -18.07 0.03 4.16
N GLU A 66 -18.06 -1.23 3.72
CA GLU A 66 -17.57 -2.26 4.63
C GLU A 66 -17.22 -3.51 3.84
N VAL A 67 -16.51 -4.40 4.50
CA VAL A 67 -16.21 -5.72 3.98
C VAL A 67 -16.68 -6.72 5.03
N VAL A 68 -17.25 -7.84 4.57
CA VAL A 68 -17.68 -8.91 5.44
C VAL A 68 -16.93 -10.15 5.01
N VAL A 69 -16.16 -10.74 5.92
CA VAL A 69 -15.46 -11.98 5.63
C VAL A 69 -16.16 -13.10 6.38
N TYR A 70 -16.79 -14.00 5.63
CA TYR A 70 -17.51 -15.11 6.21
C TYR A 70 -16.67 -16.39 6.08
N GLU A 71 -16.44 -17.05 7.21
CA GLU A 71 -15.65 -18.27 7.29
C GLU A 71 -16.57 -19.41 7.71
N PRO A 72 -17.21 -20.09 6.75
CA PRO A 72 -18.22 -21.10 7.12
C PRO A 72 -17.68 -22.23 8.00
N ASN A 73 -16.40 -22.60 7.88
CA ASN A 73 -15.87 -23.67 8.72
C ASN A 73 -15.87 -23.28 10.18
N LEU A 74 -15.75 -21.97 10.45
CA LEU A 74 -15.75 -21.41 11.79
C LEU A 74 -17.12 -20.95 12.25
N PHE A 75 -18.09 -20.86 11.35
CA PHE A 75 -19.37 -20.25 11.68
C PHE A 75 -19.15 -18.84 12.24
N GLN A 76 -18.36 -18.04 11.53
CA GLN A 76 -17.98 -16.73 12.03
C GLN A 76 -17.85 -15.78 10.85
N ALA A 77 -18.30 -14.54 11.07
CA ALA A 77 -18.18 -13.47 10.08
C ALA A 77 -17.46 -12.29 10.73
N THR A 78 -16.49 -11.73 10.04
CA THR A 78 -15.74 -10.59 10.54
C THR A 78 -16.06 -9.38 9.68
N ILE A 79 -16.50 -8.30 10.31
CA ILE A 79 -16.92 -7.08 9.61
C ILE A 79 -15.92 -5.97 9.88
N THR A 80 -15.42 -5.35 8.80
CA THR A 80 -14.48 -4.24 8.89
C THR A 80 -15.08 -3.03 8.19
N PRO A 81 -15.31 -1.91 8.85
CA PRO A 81 -15.65 -0.69 8.10
C PRO A 81 -14.50 -0.29 7.19
N LEU A 82 -14.83 0.27 6.02
CA LEU A 82 -13.84 0.70 5.03
C LEU A 82 -13.76 2.22 5.01
N LYS A 83 -12.54 2.77 5.13
CA LYS A 83 -12.47 4.23 5.02
C LYS A 83 -12.32 4.66 3.58
N ASP A 84 -11.63 3.88 2.77
CA ASP A 84 -11.48 4.12 1.34
C ASP A 84 -12.34 3.15 0.54
N LYS A 85 -13.02 3.66 -0.48
CA LYS A 85 -13.65 2.80 -1.46
C LYS A 85 -12.56 2.04 -2.22
N THR A 86 -12.49 0.71 -2.00
CA THR A 86 -11.47 -0.09 -2.67
C THR A 86 -12.02 -1.41 -3.18
N ASP A 87 -13.32 -1.49 -3.44
CA ASP A 87 -13.88 -2.69 -4.05
C ASP A 87 -13.44 -2.83 -5.52
N PHE A 88 -13.67 -4.03 -6.07
CA PHE A 88 -13.15 -4.36 -7.40
C PHE A 88 -13.73 -3.45 -8.48
N PHE A 89 -15.04 -3.22 -8.44
CA PHE A 89 -15.67 -2.40 -9.46
C PHE A 89 -15.23 -0.94 -9.35
N THR A 90 -15.12 -0.41 -8.12
CA THR A 90 -14.59 0.94 -7.96
C THR A 90 -13.22 1.06 -8.61
N ILE A 91 -12.34 0.09 -8.36
CA ILE A 91 -10.98 0.16 -8.87
C ILE A 91 -10.98 0.21 -10.39
N LEU A 92 -11.76 -0.68 -11.02
CA LEU A 92 -11.78 -0.73 -12.48
C LEU A 92 -12.25 0.60 -13.08
N LYS A 93 -13.32 1.19 -12.53
CA LYS A 93 -13.85 2.45 -13.07
C LYS A 93 -12.89 3.61 -12.87
N GLN A 94 -11.81 3.40 -12.13
CA GLN A 94 -10.80 4.42 -11.85
C GLN A 94 -9.49 4.21 -12.63
N LEU A 95 -9.25 3.03 -13.16
CA LEU A 95 -7.97 2.73 -13.79
C LEU A 95 -7.69 3.69 -14.94
N LYS A 96 -6.43 4.07 -15.07
CA LYS A 96 -5.98 4.87 -16.19
C LYS A 96 -4.89 4.15 -16.96
N LYS A 97 -4.89 4.29 -18.30
CA LYS A 97 -3.93 3.57 -19.12
C LYS A 97 -2.53 4.13 -18.96
N GLN A 98 -1.54 3.24 -18.82
CA GLN A 98 -0.14 3.59 -18.67
C GLN A 98 0.59 3.47 -20.00
N THR A 99 1.82 4.01 -20.04
CA THR A 99 2.58 3.93 -21.28
C THR A 99 2.88 2.49 -21.67
N ASP A 100 3.04 1.59 -20.68
CA ASP A 100 3.33 0.20 -21.01
C ASP A 100 2.08 -0.58 -21.43
N GLY A 101 0.91 0.08 -21.51
CA GLY A 101 -0.32 -0.57 -21.86
C GLY A 101 -1.09 -1.18 -20.70
N SER A 102 -0.49 -1.28 -19.52
CA SER A 102 -1.24 -1.69 -18.35
C SER A 102 -2.10 -0.53 -17.87
N PHE A 103 -2.96 -0.82 -16.90
CA PHE A 103 -3.84 0.16 -16.30
C PHE A 103 -3.54 0.22 -14.82
N LYS A 104 -3.55 1.41 -14.26
CA LYS A 104 -3.16 1.59 -12.87
C LYS A 104 -4.05 2.62 -12.19
N THR A 105 -4.18 2.47 -10.87
CA THR A 105 -4.72 3.53 -10.02
C THR A 105 -4.19 3.35 -8.61
N THR A 106 -4.15 4.45 -7.86
CA THR A 106 -3.66 4.43 -6.49
C THR A 106 -4.77 4.88 -5.55
N ILE A 107 -4.98 4.09 -4.50
CA ILE A 107 -6.04 4.30 -3.52
C ILE A 107 -5.44 4.05 -2.15
N ASN A 108 -5.40 5.07 -1.30
CA ASN A 108 -4.86 4.94 0.07
C ASN A 108 -3.46 4.35 0.08
N LYS A 109 -2.61 4.82 -0.82
CA LYS A 109 -1.19 4.46 -0.85
C LYS A 109 -0.93 3.04 -1.36
N THR A 110 -1.95 2.36 -1.88
CA THR A 110 -1.77 1.06 -2.53
C THR A 110 -2.06 1.23 -4.02
N THR A 111 -1.13 0.81 -4.85
CA THR A 111 -1.25 0.91 -6.30
C THR A 111 -1.75 -0.43 -6.85
N TYR A 112 -2.81 -0.39 -7.65
CA TYR A 112 -3.41 -1.55 -8.31
C TYR A 112 -3.12 -1.51 -9.80
N ARG A 113 -2.74 -2.66 -10.36
CA ARG A 113 -2.35 -2.77 -11.76
C ARG A 113 -3.22 -3.84 -12.42
N LEU A 114 -3.94 -3.43 -13.46
CA LEU A 114 -4.79 -4.31 -14.24
C LEU A 114 -4.17 -4.49 -15.61
N VAL A 115 -4.10 -5.74 -16.06
CA VAL A 115 -3.68 -6.09 -17.39
C VAL A 115 -4.85 -6.76 -18.09
N PHE A 116 -5.03 -6.45 -19.39
CA PHE A 116 -6.08 -7.04 -20.20
C PHE A 116 -5.52 -8.18 -21.05
N LYS A 117 -6.43 -9.00 -21.56
CA LYS A 117 -6.02 -9.97 -22.56
C LYS A 117 -7.23 -10.37 -23.39
N ASP A 118 -7.08 -10.34 -24.71
CA ASP A 118 -8.19 -10.67 -25.61
C ASP A 118 -9.39 -9.78 -25.32
N GLY A 119 -9.17 -8.55 -24.84
CA GLY A 119 -10.26 -7.63 -24.54
C GLY A 119 -10.91 -7.75 -23.18
N LYS A 120 -10.39 -8.59 -22.28
CA LYS A 120 -11.03 -8.76 -20.99
C LYS A 120 -10.03 -8.58 -19.87
N PRO A 121 -10.49 -8.11 -18.70
CA PRO A 121 -9.60 -8.11 -17.53
C PRO A 121 -8.94 -9.47 -17.38
N PHE A 122 -7.62 -9.46 -17.25
CA PHE A 122 -6.84 -10.69 -17.16
C PHE A 122 -6.19 -10.86 -15.81
N SER A 123 -5.54 -9.83 -15.27
CA SER A 123 -4.95 -10.01 -13.96
C SER A 123 -4.93 -8.68 -13.23
N LEU A 124 -4.95 -8.80 -11.89
CA LEU A 124 -4.95 -7.68 -10.97
C LEU A 124 -3.81 -7.95 -10.00
N GLU A 125 -3.00 -6.91 -9.73
CA GLU A 125 -1.81 -7.05 -8.90
C GLU A 125 -1.71 -5.86 -7.96
N PHE A 126 -1.37 -6.12 -6.71
CA PHE A 126 -1.16 -5.04 -5.74
C PHE A 126 -0.39 -5.62 -4.57
N LYS A 127 0.15 -4.72 -3.76
CA LYS A 127 0.78 -5.11 -2.51
C LYS A 127 -0.26 -5.09 -1.40
N ASP A 128 -0.23 -6.09 -0.53
CA ASP A 128 -1.11 -6.01 0.63
C ASP A 128 -0.48 -5.12 1.70
N ASP A 129 -1.14 -5.02 2.86
CA ASP A 129 -0.64 -4.09 3.87
C ASP A 129 0.62 -4.60 4.56
N MET A 130 1.09 -5.81 4.23
CA MET A 130 2.38 -6.31 4.67
C MET A 130 3.42 -6.27 3.56
N ASN A 131 3.18 -5.47 2.51
CA ASN A 131 4.13 -5.31 1.42
C ASN A 131 4.36 -6.62 0.67
N ASN A 132 3.40 -7.55 0.72
CA ASN A 132 3.48 -8.79 -0.04
C ASN A 132 2.67 -8.68 -1.32
N LEU A 133 3.25 -9.14 -2.43
CA LEU A 133 2.64 -8.98 -3.74
C LEU A 133 1.51 -9.99 -3.94
N VAL A 134 0.33 -9.49 -4.25
CA VAL A 134 -0.85 -10.29 -4.51
C VAL A 134 -1.15 -10.24 -6.01
N THR A 135 -1.23 -11.39 -6.64
CA THR A 135 -1.57 -11.49 -8.06
C THR A 135 -2.84 -12.31 -8.21
N ILE A 136 -3.86 -11.70 -8.79
CA ILE A 136 -5.14 -12.34 -9.08
C ILE A 136 -5.33 -12.45 -10.60
N THR A 137 -5.52 -13.68 -11.09
CA THR A 137 -5.67 -13.95 -12.50
C THR A 137 -7.07 -14.47 -12.79
N PHE A 138 -7.69 -13.95 -13.84
CA PHE A 138 -9.09 -14.22 -14.12
C PHE A 138 -9.23 -15.15 -15.32
N SER A 139 -10.19 -16.07 -15.24
CA SER A 139 -10.47 -16.95 -16.36
C SER A 139 -11.98 -17.09 -16.50
N GLN A 140 -12.41 -17.56 -17.66
CA GLN A 140 -13.84 -17.60 -17.95
C GLN A 140 -14.49 -16.25 -17.65
N ALA A 141 -13.82 -15.16 -18.06
CA ALA A 141 -14.29 -13.83 -17.69
C ALA A 141 -15.49 -13.42 -18.53
N GLU A 142 -16.48 -12.82 -17.88
CA GLU A 142 -17.71 -12.35 -18.51
C GLU A 142 -17.84 -10.85 -18.32
N ILE A 143 -18.04 -10.12 -19.42
CA ILE A 143 -18.25 -8.67 -19.39
C ILE A 143 -19.74 -8.39 -19.33
N ASN A 144 -20.18 -7.63 -18.33
CA ASN A 144 -21.58 -7.24 -18.17
C ASN A 144 -22.56 -8.42 -18.19
N PRO A 145 -22.29 -9.49 -17.44
CA PRO A 145 -23.32 -10.51 -17.22
C PRO A 145 -24.42 -10.00 -16.31
N LYS A 146 -25.59 -10.62 -16.44
CA LYS A 146 -26.67 -10.39 -15.49
C LYS A 146 -26.37 -11.15 -14.21
N ILE A 147 -26.17 -10.42 -13.12
CA ILE A 147 -25.89 -11.00 -11.82
C ILE A 147 -27.03 -10.58 -10.90
N PRO A 148 -27.83 -11.50 -10.40
CA PRO A 148 -28.93 -11.11 -9.49
C PRO A 148 -28.39 -10.42 -8.24
N ASN A 149 -29.19 -9.48 -7.73
CA ASN A 149 -28.75 -8.68 -6.60
C ASN A 149 -28.61 -9.51 -5.34
N GLU A 150 -29.50 -10.48 -5.14
CA GLU A 150 -29.49 -11.23 -3.89
C GLU A 150 -28.18 -11.96 -3.69
N ILE A 151 -27.48 -12.32 -4.78
CA ILE A 151 -26.21 -13.01 -4.60
C ILE A 151 -25.29 -12.20 -3.69
N PHE A 152 -25.46 -10.88 -3.66
CA PHE A 152 -24.57 -9.99 -2.94
C PHE A 152 -24.98 -9.73 -1.50
N VAL A 153 -26.13 -10.25 -1.08
CA VAL A 153 -26.67 -10.02 0.25
C VAL A 153 -26.11 -11.10 1.19
N PHE A 154 -25.36 -10.67 2.21
CA PHE A 154 -24.81 -11.66 3.13
C PHE A 154 -25.95 -12.19 3.97
N ASN A 155 -26.39 -13.40 3.65
CA ASN A 155 -27.55 -14.03 4.29
C ASN A 155 -27.04 -15.27 5.02
N PRO A 156 -26.88 -15.20 6.35
CA PRO A 156 -26.01 -16.15 7.07
C PRO A 156 -25.91 -17.56 6.51
N LYS A 157 -26.99 -18.34 6.45
CA LYS A 157 -28.36 -17.91 6.68
C LYS A 157 -28.84 -18.15 8.11
N ASP A 158 -28.36 -19.22 8.74
CA ASP A 158 -28.79 -19.54 10.10
C ASP A 158 -28.13 -18.57 11.08
N GLU A 159 -28.23 -18.87 12.37
CA GLU A 159 -27.77 -17.94 13.40
C GLU A 159 -27.03 -18.67 14.51
N ASN A 160 -26.10 -19.53 14.10
CA ASN A 160 -24.99 -19.89 14.97
C ASN A 160 -23.84 -18.90 14.87
N ILE A 161 -23.87 -18.02 13.86
CA ILE A 161 -22.68 -17.28 13.41
C ILE A 161 -22.28 -16.25 14.46
N ASP A 162 -21.04 -16.34 14.94
CA ASP A 162 -20.45 -15.26 15.71
C ASP A 162 -20.11 -14.10 14.76
N ILE A 163 -20.45 -12.88 15.18
CA ILE A 163 -20.13 -11.66 14.42
C ILE A 163 -19.01 -10.95 15.15
N VAL A 164 -17.86 -10.81 14.50
CA VAL A 164 -16.66 -10.25 15.09
C VAL A 164 -16.41 -8.90 14.42
N ARG A 165 -16.13 -7.89 15.22
CA ARG A 165 -15.82 -6.57 14.68
C ARG A 165 -14.37 -6.23 14.96
N GLN A 166 -13.62 -6.02 13.89
CA GLN A 166 -12.24 -5.59 13.98
C GLN A 166 -11.88 -4.89 12.68
N LEU B 7 1.76 24.05 25.19
CA LEU B 7 2.25 23.05 24.25
C LEU B 7 1.37 22.96 22.99
N SER B 8 1.97 23.25 21.83
CA SER B 8 1.21 23.54 20.64
C SER B 8 0.74 22.25 19.95
N LYS B 9 -0.26 22.41 19.08
CA LYS B 9 -0.87 21.26 18.42
C LYS B 9 0.17 20.38 17.75
N GLU B 10 1.19 21.00 17.13
CA GLU B 10 2.24 20.24 16.45
C GLU B 10 3.11 19.47 17.45
N GLU B 11 3.45 20.09 18.58
CA GLU B 11 4.22 19.38 19.59
C GLU B 11 3.42 18.22 20.18
N GLU B 12 2.10 18.38 20.28
CA GLU B 12 1.26 17.27 20.73
C GLU B 12 1.35 16.10 19.78
N VAL B 13 1.13 16.36 18.48
CA VAL B 13 1.25 15.30 17.48
C VAL B 13 2.55 14.56 17.68
N LEU B 14 3.66 15.30 17.70
CA LEU B 14 4.96 14.64 17.82
C LEU B 14 5.06 13.88 19.15
N GLN B 15 4.59 14.47 20.25
CA GLN B 15 4.73 13.75 21.51
C GLN B 15 3.86 12.49 21.56
N ASN B 16 2.70 12.48 20.92
CA ASN B 16 1.81 11.34 20.98
C ASN B 16 2.03 10.36 19.83
N LEU B 17 2.83 10.72 18.83
CA LEU B 17 2.96 9.92 17.61
C LEU B 17 3.39 8.49 17.91
N GLN B 18 2.76 7.54 17.23
CA GLN B 18 3.18 6.14 17.27
C GLN B 18 3.44 5.55 15.91
N SER B 19 2.87 6.11 14.85
CA SER B 19 3.11 5.66 13.49
C SER B 19 2.77 6.80 12.55
N PHE B 20 3.31 6.71 11.34
CA PHE B 20 3.19 7.75 10.34
C PHE B 20 3.30 7.13 8.94
N SER B 21 2.43 7.57 8.04
CA SER B 21 2.56 7.18 6.63
C SER B 21 2.25 8.38 5.75
N ALA B 22 2.79 8.35 4.52
CA ALA B 22 2.52 9.42 3.58
C ALA B 22 3.16 9.11 2.22
N HIS B 23 2.60 9.69 1.17
CA HIS B 23 3.35 9.86 -0.07
C HIS B 23 4.47 10.85 0.17
N PHE B 24 5.62 10.63 -0.50
CA PHE B 24 6.70 11.60 -0.38
C PHE B 24 7.29 11.86 -1.76
N LYS B 25 7.84 13.06 -1.91
CA LYS B 25 8.70 13.46 -3.01
C LYS B 25 10.07 13.77 -2.41
N GLN B 26 11.11 13.21 -3.01
CA GLN B 26 12.48 13.46 -2.59
C GLN B 26 13.22 14.23 -3.68
N VAL B 27 13.79 15.37 -3.32
CA VAL B 27 14.43 16.26 -4.27
C VAL B 27 15.85 16.53 -3.79
N LEU B 28 16.84 15.96 -4.47
CA LEU B 28 18.25 16.17 -4.16
C LEU B 28 18.75 17.28 -5.09
N LYS B 29 18.60 18.52 -4.63
CA LYS B 29 18.95 19.76 -5.35
C LYS B 29 19.11 19.55 -6.85
N ASN B 30 20.33 19.75 -7.35
CA ASN B 30 20.73 19.38 -8.71
C ASN B 30 20.31 20.43 -9.75
N GLU B 31 20.87 20.33 -10.95
CA GLU B 31 20.60 21.25 -12.05
C GLU B 31 19.39 20.84 -12.89
N LYS B 32 18.89 19.62 -12.71
CA LYS B 32 17.82 19.03 -13.51
C LYS B 32 16.54 18.94 -12.68
N PRO B 33 15.57 18.10 -13.09
CA PRO B 33 14.50 17.73 -12.17
C PRO B 33 14.63 16.29 -11.69
N LEU B 34 15.78 15.94 -11.10
CA LEU B 34 15.95 14.61 -10.54
C LEU B 34 15.16 14.47 -9.24
N VAL B 35 13.93 13.99 -9.36
CA VAL B 35 13.03 13.83 -8.23
C VAL B 35 12.68 12.36 -8.10
N TYR B 36 12.37 11.93 -6.88
CA TYR B 36 11.92 10.58 -6.64
C TYR B 36 10.60 10.62 -5.90
N TYR B 37 9.69 9.72 -6.27
CA TYR B 37 8.40 9.56 -5.64
C TYR B 37 8.32 8.21 -4.95
N GLY B 38 7.51 8.15 -3.90
CA GLY B 38 7.28 6.90 -3.22
C GLY B 38 6.38 7.08 -2.02
N VAL B 39 6.42 6.10 -1.13
CA VAL B 39 5.55 6.04 0.05
C VAL B 39 6.39 5.71 1.27
N LEU B 40 6.12 6.41 2.36
CA LEU B 40 6.84 6.26 3.60
C LEU B 40 5.93 5.65 4.66
N LYS B 41 6.49 4.73 5.43
CA LYS B 41 5.82 4.20 6.60
C LYS B 41 6.85 4.14 7.73
N ALA B 42 6.41 4.51 8.93
CA ALA B 42 7.26 4.66 10.10
C ALA B 42 6.42 4.30 11.32
N LYS B 43 7.05 3.66 12.31
CA LYS B 43 6.32 3.20 13.49
C LYS B 43 7.26 3.12 14.70
N ALA B 44 6.69 3.31 15.90
CA ALA B 44 7.48 3.08 17.11
C ALA B 44 7.91 1.61 17.19
N PRO B 45 9.02 1.32 17.87
CA PRO B 45 9.94 2.24 18.56
C PRO B 45 10.85 3.04 17.62
N ASN B 46 11.24 2.50 16.47
CA ASN B 46 12.25 3.18 15.66
C ASN B 46 12.35 2.57 14.27
N TRP B 47 11.21 2.29 13.63
CA TRP B 47 11.19 1.62 12.33
C TRP B 47 10.76 2.58 11.23
N ALA B 48 11.41 2.45 10.08
CA ALA B 48 11.08 3.25 8.93
C ALA B 48 11.17 2.39 7.69
N LEU B 49 10.24 2.59 6.75
CA LEU B 49 10.31 1.94 5.46
C LEU B 49 10.03 2.98 4.39
N TRP B 50 11.00 3.21 3.51
CA TRP B 50 10.79 4.08 2.36
C TRP B 50 10.67 3.21 1.11
N VAL B 51 9.55 3.33 0.41
CA VAL B 51 9.31 2.58 -0.82
C VAL B 51 9.35 3.56 -1.99
N TYR B 52 10.45 3.54 -2.74
CA TYR B 52 10.55 4.36 -3.93
C TYR B 52 9.82 3.66 -5.06
N GLU B 53 8.92 4.39 -5.71
CA GLU B 53 8.16 3.86 -6.84
C GLU B 53 8.58 4.44 -8.17
N LYS B 54 8.71 5.76 -8.27
CA LYS B 54 9.11 6.39 -9.52
C LYS B 54 10.37 7.22 -9.33
N PRO B 55 11.24 7.25 -10.34
CA PRO B 55 11.18 6.45 -11.57
C PRO B 55 11.77 5.05 -11.34
N LEU B 56 12.65 4.89 -10.35
CA LEU B 56 13.24 3.61 -10.01
C LEU B 56 12.48 2.97 -8.84
N LYS B 57 12.55 1.65 -8.77
CA LYS B 57 12.00 0.92 -7.64
C LYS B 57 13.11 0.67 -6.62
N LYS B 58 12.80 0.90 -5.35
CA LYS B 58 13.80 0.79 -4.29
C LYS B 58 13.07 0.71 -2.97
N GLU B 59 13.71 0.06 -1.98
CA GLU B 59 13.12 -0.05 -0.64
C GLU B 59 14.24 0.10 0.38
N ILE B 60 14.11 1.08 1.27
CA ILE B 60 15.09 1.32 2.31
C ILE B 60 14.44 1.02 3.65
N TYR B 61 14.93 0.00 4.33
CA TYR B 61 14.50 -0.31 5.69
C TYR B 61 15.51 0.28 6.67
N MET B 62 15.01 0.80 7.78
CA MET B 62 15.89 1.32 8.82
C MET B 62 15.29 1.02 10.18
N ASN B 63 16.15 0.58 11.10
CA ASN B 63 15.80 0.54 12.51
C ASN B 63 16.92 1.23 13.29
N ASP B 64 17.19 0.74 14.50
CA ASP B 64 18.18 1.35 15.38
C ASP B 64 19.62 0.91 15.09
N LYS B 65 19.82 -0.11 14.25
CA LYS B 65 21.15 -0.69 14.13
C LYS B 65 21.64 -0.74 12.68
N GLU B 66 20.73 -0.87 11.73
CA GLU B 66 21.11 -1.20 10.37
C GLU B 66 20.17 -0.55 9.37
N VAL B 67 20.69 -0.37 8.16
CA VAL B 67 19.89 0.03 7.02
C VAL B 67 19.97 -1.07 5.97
N VAL B 68 18.83 -1.38 5.37
CA VAL B 68 18.75 -2.31 4.23
C VAL B 68 18.28 -1.50 3.02
N VAL B 69 19.11 -1.46 1.98
CA VAL B 69 18.73 -0.89 0.69
C VAL B 69 18.48 -2.04 -0.27
N TYR B 70 17.23 -2.19 -0.71
CA TYR B 70 16.86 -3.26 -1.63
C TYR B 70 16.54 -2.65 -2.98
N GLU B 71 17.31 -3.02 -4.00
CA GLU B 71 17.16 -2.52 -5.37
C GLU B 71 16.70 -3.68 -6.25
N PRO B 72 15.39 -3.91 -6.40
CA PRO B 72 14.95 -5.07 -7.18
C PRO B 72 15.61 -5.15 -8.55
N ASN B 73 15.63 -4.03 -9.30
CA ASN B 73 16.23 -4.00 -10.63
C ASN B 73 17.68 -4.45 -10.65
N LEU B 74 18.40 -4.34 -9.53
CA LEU B 74 19.76 -4.85 -9.45
C LEU B 74 19.84 -6.18 -8.72
N PHE B 75 18.69 -6.80 -8.41
CA PHE B 75 18.64 -8.11 -7.75
C PHE B 75 19.64 -8.18 -6.60
N GLN B 76 19.62 -7.14 -5.77
CA GLN B 76 20.58 -7.06 -4.68
C GLN B 76 20.00 -6.26 -3.53
N ALA B 77 20.43 -6.62 -2.32
CA ALA B 77 20.13 -5.88 -1.11
C ALA B 77 21.43 -5.76 -0.33
N THR B 78 21.78 -4.54 0.07
CA THR B 78 22.96 -4.31 0.89
C THR B 78 22.53 -3.93 2.29
N ILE B 79 23.10 -4.62 3.27
CA ILE B 79 22.80 -4.40 4.68
C ILE B 79 24.03 -3.72 5.28
N THR B 80 23.83 -2.53 5.84
CA THR B 80 24.91 -1.70 6.36
C THR B 80 24.60 -1.28 7.80
N PRO B 81 25.60 -1.25 8.67
CA PRO B 81 25.40 -0.65 10.00
C PRO B 81 24.98 0.81 9.86
N LEU B 82 24.12 1.25 10.78
CA LEU B 82 23.50 2.57 10.66
C LEU B 82 24.54 3.69 10.62
N LYS B 83 25.71 3.48 11.20
CA LYS B 83 26.72 4.53 11.35
C LYS B 83 26.10 5.76 12.03
N ASP B 84 26.13 6.89 11.36
CA ASP B 84 25.61 8.13 11.92
C ASP B 84 24.20 8.47 11.44
N LYS B 85 23.56 7.57 10.69
CA LYS B 85 22.20 7.81 10.22
C LYS B 85 21.19 7.50 11.34
N THR B 86 19.98 8.03 11.19
CA THR B 86 18.91 7.83 12.17
C THR B 86 17.60 7.56 11.44
N ASP B 87 16.82 6.63 11.98
CA ASP B 87 15.53 6.32 11.39
C ASP B 87 14.57 7.49 11.56
N PHE B 88 13.62 7.59 10.63
CA PHE B 88 12.74 8.75 10.59
C PHE B 88 11.90 8.86 11.86
N PHE B 89 11.46 7.73 12.42
CA PHE B 89 10.63 7.83 13.61
C PHE B 89 11.42 8.37 14.80
N THR B 90 12.68 7.96 14.94
CA THR B 90 13.51 8.53 16.01
C THR B 90 13.66 10.03 15.83
N ILE B 91 13.88 10.48 14.59
CA ILE B 91 14.08 11.90 14.36
C ILE B 91 12.86 12.67 14.85
N LEU B 92 11.67 12.24 14.43
CA LEU B 92 10.43 12.88 14.88
C LEU B 92 10.38 13.03 16.40
N LYS B 93 10.48 11.92 17.14
CA LYS B 93 10.33 12.00 18.59
C LYS B 93 11.36 12.92 19.25
N GLN B 94 12.32 13.44 18.49
CA GLN B 94 13.34 14.30 19.08
C GLN B 94 13.25 15.76 18.65
N LEU B 95 12.46 16.07 17.62
CA LEU B 95 12.35 17.44 17.16
C LEU B 95 11.85 18.34 18.26
N LYS B 96 12.35 19.58 18.27
CA LYS B 96 11.89 20.58 19.22
C LYS B 96 11.53 21.85 18.45
N LYS B 97 10.46 22.50 18.90
CA LYS B 97 9.93 23.68 18.23
C LYS B 97 10.98 24.78 18.23
N GLN B 98 11.09 25.48 17.11
CA GLN B 98 12.04 26.58 16.97
C GLN B 98 11.31 27.92 17.01
N THR B 99 12.08 29.00 17.25
CA THR B 99 11.47 30.31 17.35
C THR B 99 10.79 30.74 16.05
N ASP B 100 11.14 30.13 14.93
CA ASP B 100 10.48 30.39 13.65
C ASP B 100 9.33 29.42 13.36
N GLY B 101 8.99 28.53 14.30
CA GLY B 101 7.88 27.60 14.10
C GLY B 101 8.25 26.28 13.47
N SER B 102 9.45 26.16 12.91
CA SER B 102 9.91 24.87 12.44
C SER B 102 10.40 24.02 13.61
N PHE B 103 10.73 22.79 13.30
CA PHE B 103 11.24 21.84 14.27
C PHE B 103 12.60 21.37 13.80
N LYS B 104 13.56 21.33 14.72
CA LYS B 104 14.91 20.93 14.39
C LYS B 104 15.41 19.93 15.42
N THR B 105 16.37 19.11 15.00
CA THR B 105 17.13 18.25 15.90
C THR B 105 18.47 17.94 15.26
N THR B 106 19.48 17.76 16.10
CA THR B 106 20.81 17.35 15.66
C THR B 106 21.14 16.02 16.34
N ILE B 107 21.28 14.98 15.55
CA ILE B 107 21.64 13.66 16.04
C ILE B 107 22.89 13.23 15.29
N ASN B 108 23.86 12.69 16.03
CA ASN B 108 25.10 12.18 15.42
C ASN B 108 25.74 13.19 14.48
N LYS B 109 25.49 14.48 14.72
CA LYS B 109 26.14 15.56 13.98
C LYS B 109 25.40 15.89 12.69
N THR B 110 24.18 15.39 12.53
CA THR B 110 23.32 15.79 11.42
C THR B 110 22.12 16.57 11.95
N THR B 111 21.81 17.69 11.28
CA THR B 111 20.73 18.57 11.70
C THR B 111 19.53 18.39 10.77
N TYR B 112 18.40 18.01 11.37
CA TYR B 112 17.17 17.76 10.65
C TYR B 112 16.18 18.88 10.95
N ARG B 113 15.49 19.32 9.90
CA ARG B 113 14.55 20.42 9.98
C ARG B 113 13.24 19.99 9.36
N LEU B 114 12.16 20.15 10.11
CA LEU B 114 10.84 19.68 9.69
C LEU B 114 9.85 20.82 9.81
N VAL B 115 9.07 21.05 8.74
CA VAL B 115 8.05 22.08 8.70
C VAL B 115 6.68 21.42 8.71
N PHE B 116 5.83 21.88 9.61
CA PHE B 116 4.44 21.46 9.65
C PHE B 116 3.60 22.36 8.75
N LYS B 117 2.62 21.77 8.08
CA LYS B 117 1.59 22.52 7.36
C LYS B 117 0.25 21.92 7.71
N ASP B 118 -0.69 22.77 8.10
CA ASP B 118 -2.05 22.32 8.45
C ASP B 118 -2.01 21.20 9.49
N GLY B 119 -1.12 21.34 10.48
CA GLY B 119 -1.06 20.36 11.55
C GLY B 119 -0.41 19.05 11.18
N LYS B 120 0.19 18.93 10.01
CA LYS B 120 0.83 17.68 9.64
C LYS B 120 2.24 17.94 9.12
N PRO B 121 3.15 16.99 9.34
CA PRO B 121 4.50 17.12 8.79
C PRO B 121 4.44 17.32 7.29
N PHE B 122 5.02 18.43 6.82
CA PHE B 122 5.00 18.76 5.40
C PHE B 122 6.33 18.53 4.70
N SER B 123 7.44 18.99 5.27
CA SER B 123 8.73 18.83 4.62
C SER B 123 9.81 18.51 5.64
N LEU B 124 10.77 17.70 5.21
CA LEU B 124 11.96 17.37 5.99
C LEU B 124 13.18 17.76 5.16
N GLU B 125 14.13 18.46 5.78
CA GLU B 125 15.35 18.88 5.09
C GLU B 125 16.56 18.51 5.93
N PHE B 126 17.60 18.01 5.25
CA PHE B 126 18.85 17.69 5.93
C PHE B 126 19.96 17.65 4.90
N LYS B 127 21.19 17.91 5.36
CA LYS B 127 22.39 17.74 4.54
C LYS B 127 22.92 16.33 4.72
N ASP B 128 23.26 15.69 3.61
CA ASP B 128 23.44 14.26 3.54
C ASP B 128 24.91 13.87 3.73
N ASP B 129 25.26 12.65 3.28
CA ASP B 129 26.62 12.13 3.32
C ASP B 129 27.62 13.04 2.62
N MET B 130 27.18 13.92 1.71
CA MET B 130 28.07 14.64 0.81
C MET B 130 27.85 16.15 0.83
N ASN B 131 27.25 16.69 1.88
CA ASN B 131 26.96 18.11 2.01
C ASN B 131 25.85 18.59 1.10
N ASN B 132 25.23 17.71 0.31
CA ASN B 132 24.08 18.09 -0.51
C ASN B 132 22.84 18.17 0.38
N LEU B 133 22.01 19.19 0.14
CA LEU B 133 20.78 19.33 0.91
C LEU B 133 19.71 18.41 0.33
N VAL B 134 19.08 17.63 1.20
CA VAL B 134 18.00 16.72 0.83
C VAL B 134 16.68 17.36 1.28
N THR B 135 15.69 17.34 0.40
CA THR B 135 14.39 17.94 0.69
C THR B 135 13.32 16.91 0.38
N ILE B 136 12.54 16.56 1.40
CA ILE B 136 11.48 15.56 1.26
C ILE B 136 10.19 16.24 1.66
N THR B 137 9.20 16.17 0.77
CA THR B 137 7.90 16.76 1.06
C THR B 137 6.85 15.64 1.10
N PHE B 138 5.89 15.81 1.99
CA PHE B 138 4.87 14.80 2.24
C PHE B 138 3.50 15.29 1.79
N SER B 139 2.72 14.39 1.23
CA SER B 139 1.30 14.65 1.00
C SER B 139 0.52 13.40 1.39
N GLN B 140 -0.79 13.59 1.57
CA GLN B 140 -1.66 12.54 2.06
C GLN B 140 -1.14 11.98 3.38
N ALA B 141 -0.64 12.86 4.24
CA ALA B 141 0.07 12.43 5.44
C ALA B 141 -0.92 11.93 6.49
N GLU B 142 -0.64 10.76 7.05
CA GLU B 142 -1.55 10.11 7.98
C GLU B 142 -0.89 9.98 9.35
N ILE B 143 -1.57 10.49 10.38
CA ILE B 143 -1.06 10.50 11.75
C ILE B 143 -1.58 9.26 12.49
N ASN B 144 -0.67 8.47 13.05
CA ASN B 144 -1.00 7.28 13.81
C ASN B 144 -1.90 6.30 13.06
N PRO B 145 -1.54 5.95 11.82
CA PRO B 145 -2.27 4.89 11.10
C PRO B 145 -1.86 3.50 11.56
N LYS B 146 -2.81 2.57 11.43
CA LYS B 146 -2.51 1.17 11.68
C LYS B 146 -1.57 0.63 10.60
N ILE B 147 -0.40 0.16 11.02
CA ILE B 147 0.59 -0.45 10.14
C ILE B 147 1.09 -1.71 10.81
N PRO B 148 1.03 -2.87 10.15
CA PRO B 148 1.49 -4.12 10.79
C PRO B 148 3.01 -4.17 10.91
N ASN B 149 3.48 -4.66 12.07
CA ASN B 149 4.91 -4.70 12.35
C ASN B 149 5.69 -5.44 11.26
N GLU B 150 5.05 -6.40 10.61
CA GLU B 150 5.77 -7.26 9.68
C GLU B 150 6.24 -6.50 8.45
N ILE B 151 5.60 -5.37 8.12
CA ILE B 151 5.98 -4.65 6.90
C ILE B 151 7.38 -4.06 6.98
N PHE B 152 7.96 -4.03 8.18
CA PHE B 152 9.29 -3.49 8.40
C PHE B 152 10.37 -4.54 8.42
N VAL B 153 10.00 -5.82 8.29
CA VAL B 153 10.99 -6.89 8.18
C VAL B 153 11.34 -7.09 6.72
N PHE B 154 12.63 -7.04 6.41
CA PHE B 154 13.14 -7.29 5.06
C PHE B 154 13.22 -8.79 4.85
N ASN B 155 12.20 -9.35 4.19
CA ASN B 155 12.11 -10.78 3.92
C ASN B 155 11.80 -10.92 2.44
N PRO B 156 12.81 -10.78 1.59
CA PRO B 156 12.56 -10.81 0.15
C PRO B 156 12.26 -12.23 -0.32
N LYS B 157 11.39 -12.31 -1.32
CA LYS B 157 11.25 -13.56 -2.04
C LYS B 157 12.26 -13.51 -3.18
N ASP B 158 11.95 -14.09 -4.33
CA ASP B 158 12.92 -14.09 -5.43
C ASP B 158 14.16 -14.87 -5.02
N GLU B 159 14.52 -15.88 -5.80
CA GLU B 159 15.66 -16.71 -5.44
C GLU B 159 16.98 -16.16 -5.98
N ASN B 160 16.95 -15.09 -6.77
CA ASN B 160 18.16 -14.55 -7.40
C ASN B 160 18.60 -13.22 -6.78
N ILE B 161 18.09 -12.89 -5.61
CA ILE B 161 18.52 -11.68 -4.91
C ILE B 161 19.82 -11.95 -4.18
N ASP B 162 20.85 -11.15 -4.45
CA ASP B 162 22.13 -11.22 -3.77
C ASP B 162 22.08 -10.36 -2.50
N ILE B 163 22.18 -11.00 -1.34
CA ILE B 163 22.18 -10.29 -0.05
C ILE B 163 23.63 -10.03 0.35
N VAL B 164 24.02 -8.75 0.31
CA VAL B 164 25.39 -8.31 0.59
C VAL B 164 25.41 -7.56 1.92
N ARG B 165 26.39 -7.88 2.76
CA ARG B 165 26.53 -7.23 4.06
C ARG B 165 27.82 -6.42 4.10
#